data_4ZGI
#
_entry.id   4ZGI
#
_cell.length_a   39.009
_cell.length_b   39.009
_cell.length_c   178.459
_cell.angle_alpha   90.000
_cell.angle_beta   90.000
_cell.angle_gamma   120.000
#
_symmetry.space_group_name_H-M   'P 32 2 1'
#
loop_
_entity.id
_entity.type
_entity.pdbx_description
1 polymer 'TRAF-interacting protein with FHA domain-containing protein A'
2 water water
#
_entity_poly.entity_id   1
_entity_poly.type   'polypeptide(L)'
_entity_poly.pdbx_seq_one_letter_code
;EETVTCLQ(MSE)TVYHPGQLQCGIFQSISFNREKLPSSEVVKFGRNSNICHYTFQDKQVSRVQFSLQLFKKFNSSVLSF
EIKN(MSE)SKKTNLIVDSRELGYLNK(MSE)DLPYRC(MSE)VRFGEYQFL(MSE)EKEDGESLEFFETQFILSPRSLL
;
_entity_poly.pdbx_strand_id   A
#
# COMPACT_ATOMS: atom_id res chain seq x y z
N GLU A 1 -22.46 15.25 0.04
CA GLU A 1 -21.24 14.60 -0.40
C GLU A 1 -21.19 13.25 0.23
N GLU A 2 -20.29 12.42 -0.25
CA GLU A 2 -20.22 11.17 0.48
C GLU A 2 -18.92 11.10 1.21
N THR A 3 -18.84 10.15 2.13
CA THR A 3 -17.59 9.78 2.75
C THR A 3 -16.80 8.93 1.78
N VAL A 4 -15.51 9.22 1.61
CA VAL A 4 -14.70 8.35 0.78
C VAL A 4 -13.90 7.40 1.66
N THR A 5 -13.65 6.21 1.13
CA THR A 5 -12.84 5.23 1.84
C THR A 5 -11.40 5.72 1.91
N CYS A 6 -10.78 5.59 3.08
CA CYS A 6 -9.38 5.93 3.22
C CYS A 6 -8.58 4.75 3.72
N LEU A 7 -7.45 4.50 3.08
CA LEU A 7 -6.53 3.49 3.56
C LEU A 7 -5.37 4.16 4.27
N GLN A 8 -5.33 3.99 5.59
CA GLN A 8 -4.24 4.52 6.39
C GLN A 8 -3.11 3.49 6.44
N THR A 10 0.67 2.89 7.92
CA THR A 10 1.68 3.33 8.84
C THR A 10 2.88 2.46 8.59
N VAL A 11 4.01 3.08 8.35
CA VAL A 11 5.15 2.38 7.76
C VAL A 11 6.44 2.52 8.56
N TYR A 12 7.14 1.43 8.67
CA TYR A 12 8.44 1.43 9.30
C TYR A 12 9.53 0.71 8.53
N HIS A 13 10.71 1.29 8.54
CA HIS A 13 11.91 0.67 8.09
C HIS A 13 13.01 0.96 9.04
N PRO A 14 13.94 0.04 9.29
CA PRO A 14 15.04 0.34 10.22
C PRO A 14 15.95 1.45 9.69
N GLY A 15 16.32 1.37 8.41
CA GLY A 15 17.16 2.36 7.78
C GLY A 15 16.40 3.63 7.38
N GLN A 16 15.27 3.84 7.99
CA GLN A 16 14.38 4.92 7.70
C GLN A 16 15.06 6.26 7.86
N LEU A 17 15.83 6.45 8.92
CA LEU A 17 16.36 7.76 9.27
C LEU A 17 17.81 7.92 8.87
N GLN A 18 18.41 6.88 8.30
CA GLN A 18 19.80 6.95 7.88
C GLN A 18 19.93 6.90 6.36
N CYS A 19 19.34 5.88 5.74
CA CYS A 19 19.26 5.83 4.29
C CYS A 19 18.24 6.85 3.79
N GLY A 20 18.07 6.93 2.47
CA GLY A 20 17.08 7.83 1.88
C GLY A 20 15.98 7.10 1.15
N ILE A 21 15.58 5.95 1.67
CA ILE A 21 14.51 5.15 1.08
C ILE A 21 13.18 5.90 0.94
N PHE A 22 12.87 6.78 1.90
CA PHE A 22 11.56 7.41 2.02
C PHE A 22 11.52 8.88 1.56
N GLN A 23 12.60 9.34 0.93
CA GLN A 23 12.77 10.75 0.59
C GLN A 23 11.80 11.27 -0.47
N SER A 24 11.16 10.36 -1.20
CA SER A 24 10.21 10.75 -2.25
C SER A 24 8.77 10.63 -1.78
N ILE A 25 8.56 9.88 -0.71
CA ILE A 25 7.22 9.56 -0.22
C ILE A 25 6.41 10.78 0.24
N SER A 26 5.17 10.87 -0.21
CA SER A 26 4.25 11.91 0.24
C SER A 26 3.54 11.50 1.52
N PHE A 27 3.38 12.45 2.44
CA PHE A 27 2.70 12.20 3.71
C PHE A 27 1.40 12.99 3.77
N ASN A 28 1.04 13.59 2.64
CA ASN A 28 -0.26 14.19 2.45
C ASN A 28 -1.31 13.10 2.34
N ARG A 29 -2.58 13.46 2.53
CA ARG A 29 -3.65 12.57 2.13
C ARG A 29 -3.78 12.63 0.62
N GLU A 30 -3.88 11.48 -0.03
CA GLU A 30 -3.96 11.44 -1.48
C GLU A 30 -5.30 10.87 -1.97
N LYS A 31 -6.03 11.65 -2.73
CA LYS A 31 -7.32 11.26 -3.19
C LYS A 31 -7.30 10.79 -4.61
N LEU A 32 -7.68 9.54 -4.80
CA LEU A 32 -7.51 8.87 -6.08
C LEU A 32 -8.82 8.24 -6.57
N PRO A 33 -9.01 8.20 -7.90
CA PRO A 33 -10.18 7.55 -8.50
C PRO A 33 -10.14 6.03 -8.33
N SER A 34 -11.28 5.40 -8.07
CA SER A 34 -11.33 3.97 -7.80
C SER A 34 -10.95 3.09 -8.98
N SER A 35 -10.71 3.72 -10.13
CA SER A 35 -10.21 3.01 -11.29
C SER A 35 -8.69 2.91 -11.23
N GLU A 36 -8.08 3.72 -10.37
CA GLU A 36 -6.63 3.77 -10.22
C GLU A 36 -6.06 2.47 -9.67
N VAL A 37 -4.87 2.10 -10.14
CA VAL A 37 -4.13 0.99 -9.54
C VAL A 37 -2.88 1.55 -8.88
N VAL A 38 -2.91 1.62 -7.55
CA VAL A 38 -1.82 2.23 -6.76
C VAL A 38 -0.59 1.34 -6.77
N LYS A 39 0.56 1.91 -7.13
CA LYS A 39 1.76 1.11 -7.28
C LYS A 39 2.87 1.48 -6.30
N PHE A 40 3.46 0.45 -5.71
CA PHE A 40 4.52 0.61 -4.75
C PHE A 40 5.77 -0.08 -5.27
N GLY A 41 6.88 0.63 -5.28
CA GLY A 41 8.12 0.04 -5.75
C GLY A 41 9.20 1.05 -6.03
N ARG A 42 10.14 0.66 -6.86
CA ARG A 42 11.33 1.47 -7.06
C ARG A 42 11.20 2.49 -8.18
N ASN A 43 10.45 2.14 -9.22
CA ASN A 43 10.31 2.99 -10.40
C ASN A 43 9.50 4.27 -10.16
N SER A 44 10.20 5.41 -10.16
CA SER A 44 9.58 6.70 -9.89
C SER A 44 8.57 7.15 -10.96
N ASN A 45 8.67 6.58 -12.15
CA ASN A 45 7.83 7.00 -13.25
C ASN A 45 6.38 6.52 -13.15
N ILE A 46 6.16 5.36 -12.55
CA ILE A 46 4.82 4.80 -12.47
C ILE A 46 4.34 4.53 -11.04
N CYS A 47 5.28 4.44 -10.10
CA CYS A 47 4.93 4.16 -8.72
C CYS A 47 4.41 5.40 -7.98
N HIS A 48 3.18 5.31 -7.51
CA HIS A 48 2.60 6.35 -6.66
C HIS A 48 3.44 6.52 -5.41
N TYR A 49 4.02 5.42 -4.96
CA TYR A 49 4.87 5.43 -3.78
C TYR A 49 6.23 4.80 -4.09
N THR A 50 7.24 5.66 -4.19
CA THR A 50 8.57 5.24 -4.59
C THR A 50 9.49 5.05 -3.40
N PHE A 51 10.18 3.93 -3.35
CA PHE A 51 11.18 3.71 -2.35
C PHE A 51 12.53 3.72 -2.99
N GLN A 52 13.36 4.67 -2.60
CA GLN A 52 14.74 4.79 -3.08
C GLN A 52 15.60 3.70 -2.45
N ASP A 53 15.44 2.47 -2.93
CA ASP A 53 16.15 1.32 -2.36
C ASP A 53 16.41 0.24 -3.42
N LYS A 54 17.64 -0.26 -3.45
CA LYS A 54 18.04 -1.29 -4.42
C LYS A 54 17.49 -2.66 -4.05
N GLN A 55 17.00 -2.78 -2.82
CA GLN A 55 16.42 -4.05 -2.38
C GLN A 55 14.96 -4.09 -2.79
N VAL A 56 14.55 -3.11 -3.59
CA VAL A 56 13.17 -3.00 -4.03
C VAL A 56 13.08 -3.10 -5.55
N SER A 57 12.20 -3.98 -6.02
CA SER A 57 11.91 -4.12 -7.45
C SER A 57 11.27 -2.85 -7.99
N ARG A 58 11.21 -2.70 -9.28
CA ARG A 58 10.66 -1.47 -9.83
C ARG A 58 9.21 -1.31 -9.49
N VAL A 59 8.47 -2.38 -9.52
CA VAL A 59 7.15 -2.38 -8.87
C VAL A 59 7.09 -3.56 -7.89
N GLN A 60 6.90 -3.24 -6.61
CA GLN A 60 6.92 -4.24 -5.55
C GLN A 60 5.54 -4.89 -5.38
N PHE A 61 4.54 -4.06 -5.10
CA PHE A 61 3.17 -4.54 -5.00
C PHE A 61 2.19 -3.44 -5.43
N SER A 62 0.94 -3.83 -5.67
CA SER A 62 -0.06 -2.88 -6.14
C SER A 62 -1.38 -3.04 -5.42
N LEU A 63 -2.13 -1.95 -5.32
CA LEU A 63 -3.47 -1.98 -4.77
C LEU A 63 -4.49 -1.65 -5.84
N GLN A 64 -5.52 -2.48 -5.97
CA GLN A 64 -6.63 -2.14 -6.83
C GLN A 64 -7.91 -2.15 -6.02
N LEU A 65 -8.93 -1.47 -6.52
CA LEU A 65 -10.19 -1.40 -5.82
C LEU A 65 -11.31 -2.04 -6.62
N PHE A 66 -12.26 -2.64 -5.91
CA PHE A 66 -13.37 -3.32 -6.54
C PHE A 66 -14.50 -3.47 -5.55
N LYS A 67 -15.70 -3.71 -6.06
CA LYS A 67 -16.85 -3.93 -5.21
C LYS A 67 -17.09 -5.42 -5.08
N LYS A 68 -17.06 -5.92 -3.86
CA LYS A 68 -17.34 -7.32 -3.61
C LYS A 68 -18.76 -7.67 -4.03
N PHE A 69 -19.03 -8.94 -4.23
CA PHE A 69 -20.39 -9.37 -4.39
C PHE A 69 -20.99 -9.33 -3.02
N ASN A 70 -22.19 -8.80 -2.96
CA ASN A 70 -22.92 -8.58 -1.71
C ASN A 70 -22.23 -7.55 -0.82
N SER A 71 -22.01 -6.37 -1.39
CA SER A 71 -21.35 -5.28 -0.69
C SER A 71 -21.72 -3.97 -1.37
N SER A 72 -21.81 -2.90 -0.58
CA SER A 72 -22.18 -1.60 -1.12
C SER A 72 -20.98 -0.67 -1.19
N VAL A 73 -19.80 -1.22 -0.91
CA VAL A 73 -18.61 -0.40 -0.73
C VAL A 73 -17.35 -0.94 -1.41
N LEU A 74 -16.31 -0.13 -1.42
CA LEU A 74 -15.04 -0.50 -2.05
C LEU A 74 -14.18 -1.39 -1.17
N SER A 75 -13.53 -2.37 -1.80
CA SER A 75 -12.58 -3.22 -1.12
C SER A 75 -11.22 -3.11 -1.81
N PHE A 76 -10.15 -3.16 -1.03
CA PHE A 76 -8.81 -3.23 -1.59
C PHE A 76 -8.39 -4.68 -1.81
N GLU A 77 -7.76 -4.93 -2.95
CA GLU A 77 -7.06 -6.18 -3.17
C GLU A 77 -5.60 -5.84 -3.42
N ILE A 78 -4.71 -6.60 -2.77
CA ILE A 78 -3.28 -6.35 -2.89
C ILE A 78 -2.65 -7.42 -3.77
N LYS A 79 -1.68 -7.03 -4.58
CA LYS A 79 -1.02 -7.99 -5.47
C LYS A 79 0.49 -7.84 -5.44
N ASN A 80 1.19 -8.96 -5.31
CA ASN A 80 2.64 -8.99 -5.34
C ASN A 80 3.14 -8.80 -6.77
N SER A 82 6.49 -8.36 -7.56
CA SER A 82 7.92 -8.64 -7.57
C SER A 82 8.23 -10.12 -7.68
N LYS A 83 9.17 -10.46 -8.56
CA LYS A 83 9.62 -11.84 -8.74
C LYS A 83 10.46 -12.29 -7.56
N LYS A 84 11.50 -11.52 -7.29
CA LYS A 84 12.46 -11.80 -6.23
C LYS A 84 11.82 -12.08 -4.88
N THR A 85 11.19 -11.06 -4.33
CA THR A 85 10.79 -11.07 -2.93
C THR A 85 9.33 -11.49 -2.75
N ASN A 86 9.09 -12.28 -1.71
CA ASN A 86 7.73 -12.68 -1.35
C ASN A 86 7.07 -11.67 -0.42
N LEU A 87 5.92 -11.16 -0.85
CA LEU A 87 5.09 -10.28 -0.04
C LEU A 87 4.38 -11.09 1.03
N ILE A 88 4.41 -10.61 2.26
CA ILE A 88 3.71 -11.27 3.35
C ILE A 88 2.56 -10.39 3.85
N VAL A 89 1.35 -10.90 3.72
CA VAL A 89 0.18 -10.24 4.28
C VAL A 89 -0.30 -11.00 5.49
N ASP A 90 -0.21 -10.36 6.66
CA ASP A 90 -0.46 -11.01 7.95
C ASP A 90 0.44 -12.25 8.09
N SER A 91 -0.19 -13.42 8.13
CA SER A 91 0.55 -14.67 8.21
C SER A 91 0.80 -15.25 6.82
N ARG A 92 0.05 -14.75 5.84
CA ARG A 92 0.07 -15.34 4.50
C ARG A 92 1.19 -14.80 3.62
N GLU A 93 1.68 -15.66 2.75
CA GLU A 93 2.80 -15.35 1.86
C GLU A 93 2.33 -15.31 0.40
N LEU A 94 2.50 -14.16 -0.24
CA LEU A 94 2.10 -13.99 -1.63
C LEU A 94 3.30 -14.13 -2.56
N GLY A 95 3.20 -15.04 -3.52
CA GLY A 95 4.22 -15.18 -4.55
C GLY A 95 3.99 -14.19 -5.67
N TYR A 96 4.91 -14.18 -6.65
CA TYR A 96 4.82 -13.33 -7.83
C TYR A 96 3.44 -13.39 -8.48
N LEU A 97 2.80 -12.24 -8.63
CA LEU A 97 1.48 -12.12 -9.27
C LEU A 97 0.36 -12.84 -8.52
N ASN A 98 0.64 -13.19 -7.26
CA ASN A 98 -0.44 -13.62 -6.38
C ASN A 98 -1.15 -12.39 -5.84
N LYS A 99 -2.45 -12.53 -5.61
CA LYS A 99 -3.23 -11.43 -5.05
C LYS A 99 -4.15 -11.96 -3.98
N ASP A 101 -7.54 -10.44 -1.04
CA ASP A 101 -8.33 -9.37 -0.47
C ASP A 101 -7.52 -8.75 0.66
N LEU A 102 -7.77 -7.47 0.95
CA LEU A 102 -7.00 -6.82 1.99
C LEU A 102 -7.86 -6.67 3.23
N PRO A 103 -7.46 -7.34 4.33
CA PRO A 103 -8.11 -7.23 5.63
C PRO A 103 -8.30 -5.77 6.03
N TYR A 104 -9.38 -5.48 6.77
CA TYR A 104 -9.66 -4.12 7.22
C TYR A 104 -8.52 -3.58 8.07
N ARG A 105 -7.87 -4.44 8.84
CA ARG A 105 -6.61 -4.15 9.46
C ARG A 105 -5.66 -5.28 9.22
N CYS A 106 -4.45 -5.00 8.82
CA CYS A 106 -3.46 -6.05 8.63
C CYS A 106 -2.00 -5.54 8.59
N VAL A 108 1.27 -5.74 6.39
CA VAL A 108 1.94 -6.05 5.13
C VAL A 108 3.45 -5.79 5.23
N ARG A 109 4.25 -6.78 4.82
CA ARG A 109 5.71 -6.67 4.85
C ARG A 109 6.33 -7.40 3.65
N PHE A 110 7.45 -6.88 3.24
CA PHE A 110 8.41 -7.51 2.42
C PHE A 110 9.71 -6.87 2.81
N GLY A 111 10.82 -7.57 2.84
CA GLY A 111 12.09 -6.98 3.21
C GLY A 111 12.13 -6.43 4.62
N GLU A 112 12.69 -5.25 4.87
CA GLU A 112 12.72 -4.83 6.27
C GLU A 112 11.57 -3.86 6.46
N TYR A 113 10.76 -3.75 5.40
CA TYR A 113 9.62 -2.83 5.36
C TYR A 113 8.41 -3.37 6.09
N GLN A 114 7.78 -2.52 6.90
CA GLN A 114 6.58 -2.91 7.63
C GLN A 114 5.44 -1.95 7.31
N PHE A 115 4.32 -2.51 6.85
CA PHE A 115 3.16 -1.69 6.50
C PHE A 115 1.94 -2.03 7.35
N LEU A 116 1.65 -1.19 8.33
CA LEU A 116 0.40 -1.36 9.08
C LEU A 116 -0.77 -0.80 8.24
N GLU A 118 -4.66 0.03 7.52
CA GLU A 118 -5.88 0.30 8.26
C GLU A 118 -6.93 1.03 7.43
N LYS A 119 -8.05 0.34 7.24
CA LYS A 119 -9.11 0.78 6.34
C LYS A 119 -10.31 1.35 7.07
N GLU A 120 -10.66 2.58 6.74
CA GLU A 120 -11.87 3.15 7.18
C GLU A 120 -12.76 3.27 5.96
N ASP A 121 -14.01 2.88 6.06
CA ASP A 121 -14.91 2.76 4.93
C ASP A 121 -15.48 4.09 4.47
N GLY A 122 -16.15 4.03 3.33
CA GLY A 122 -16.86 5.18 2.80
C GLY A 122 -18.03 4.73 1.96
N GLU A 123 -18.89 5.68 1.60
CA GLU A 123 -20.02 5.40 0.73
C GLU A 123 -19.60 5.49 -0.73
N SER A 124 -18.56 6.28 -0.97
CA SER A 124 -18.15 6.62 -2.33
C SER A 124 -17.59 5.41 -3.10
N LEU A 125 -17.98 5.28 -4.36
CA LEU A 125 -17.42 4.24 -5.21
C LEU A 125 -16.53 4.89 -6.27
N GLU A 126 -16.52 6.22 -6.28
CA GLU A 126 -15.81 6.96 -7.31
C GLU A 126 -14.37 7.23 -6.93
N PHE A 127 -14.11 7.48 -5.65
CA PHE A 127 -12.78 7.82 -5.21
C PHE A 127 -12.39 7.10 -3.94
N PHE A 128 -11.08 7.07 -3.67
CA PHE A 128 -10.57 6.58 -2.41
C PHE A 128 -9.39 7.44 -1.99
N GLU A 129 -9.18 7.53 -0.70
CA GLU A 129 -8.01 8.25 -0.20
C GLU A 129 -7.02 7.27 0.38
N THR A 130 -5.75 7.64 0.30
CA THR A 130 -4.68 6.81 0.80
C THR A 130 -3.83 7.76 1.66
N GLN A 131 -3.26 7.26 2.75
CA GLN A 131 -2.51 8.13 3.64
C GLN A 131 -1.32 7.45 4.30
N PHE A 132 -0.15 8.04 4.09
CA PHE A 132 1.14 7.51 4.52
C PHE A 132 1.60 8.17 5.81
N ILE A 133 1.82 7.36 6.84
CA ILE A 133 2.34 7.88 8.09
C ILE A 133 3.64 7.19 8.47
N LEU A 134 4.69 7.97 8.73
CA LEU A 134 5.95 7.41 9.18
C LEU A 134 5.86 7.04 10.66
N SER A 135 6.14 5.76 10.95
CA SER A 135 6.24 5.30 12.34
C SER A 135 7.61 5.64 12.91
N PRO A 136 7.63 6.22 14.12
CA PRO A 136 8.86 6.51 14.84
C PRO A 136 9.64 5.24 15.12
N ARG A 137 8.91 4.18 15.46
CA ARG A 137 9.54 2.90 15.76
C ARG A 137 8.83 1.72 15.09
N SER A 138 9.42 0.54 15.22
CA SER A 138 8.90 -0.68 14.62
C SER A 138 7.50 -1.03 15.12
N LEU A 139 6.75 -1.74 14.29
CA LEU A 139 5.45 -2.28 14.67
C LEU A 139 5.64 -3.76 14.95
N LEU A 140 6.90 -4.16 15.07
CA LEU A 140 7.32 -5.56 15.12
C LEU A 140 6.55 -6.42 14.14
#